data_5XGP
#
_entry.id   5XGP
#
_cell.length_a   70.131
_cell.length_b   70.131
_cell.length_c   132.584
_cell.angle_alpha   90.00
_cell.angle_beta   90.00
_cell.angle_gamma   90.00
#
_symmetry.space_group_name_H-M   'P 43 21 2'
#
loop_
_entity.id
_entity.type
_entity.pdbx_description
1 polymer 'Secreted Xwnt8 inhibitor sizzled'
2 non-polymer 'SULFATE ION'
3 non-polymer 'CHLORIDE ION'
4 water water
#
_entity_poly.entity_id   1
_entity_poly.type   'polypeptide(L)'
_entity_poly.pdbx_seq_one_letter_code
;STKCVTIPTEMAMCNDVGYSEMRLPNLMGHTNMAEVVPKSAEWQNLLQTGCHPYARTFLCSLFAPVCLDTFIQPCRSMCV
AVRDSCAPVLACHGHSWPESLDCDRFPAGEDMCLDTLSKEYQYSYKELPKPSCQGCPLIEEFFSHKTVLEAFCDNNFAVK
VKLAKKKSASGLYEYETEGPVEFIKQGLLLPYDTRTMIEQWLLINENCAQKLIRTRPTVYVIAGEIHHGKVKVNRIFHWQ
KKDSQLTLATRRWRHHKCAAA
;
_entity_poly.pdbx_strand_id   A
#
loop_
_chem_comp.id
_chem_comp.type
_chem_comp.name
_chem_comp.formula
CL non-polymer 'CHLORIDE ION' 'Cl -1'
SO4 non-polymer 'SULFATE ION' 'O4 S -2'
#
# COMPACT_ATOMS: atom_id res chain seq x y z
N SER A 1 9.15 -21.89 -30.67
CA SER A 1 8.07 -20.98 -31.00
C SER A 1 7.08 -20.85 -29.83
N THR A 2 6.38 -21.94 -29.53
CA THR A 2 5.44 -21.97 -28.43
C THR A 2 5.38 -23.39 -27.87
N LYS A 3 5.02 -23.51 -26.60
CA LYS A 3 4.94 -24.81 -25.95
C LYS A 3 3.99 -24.71 -24.77
N CYS A 4 3.76 -25.85 -24.12
CA CYS A 4 2.93 -25.92 -22.92
C CYS A 4 3.75 -26.48 -21.78
N VAL A 5 3.56 -25.91 -20.60
CA VAL A 5 4.29 -26.32 -19.39
C VAL A 5 3.30 -26.48 -18.25
N THR A 6 3.66 -27.34 -17.30
CA THR A 6 2.84 -27.54 -16.12
C THR A 6 3.08 -26.39 -15.15
N ILE A 7 1.99 -25.84 -14.61
CA ILE A 7 2.07 -24.78 -13.61
C ILE A 7 2.77 -25.34 -12.38
N PRO A 8 3.93 -24.80 -12.01
CA PRO A 8 4.66 -25.35 -10.86
C PRO A 8 4.02 -24.93 -9.55
N THR A 9 4.29 -25.72 -8.51
CA THR A 9 3.78 -25.39 -7.18
C THR A 9 4.39 -24.09 -6.66
N GLU A 10 5.59 -23.74 -7.13
CA GLU A 10 6.23 -22.51 -6.70
C GLU A 10 5.52 -21.26 -7.22
N MET A 11 4.68 -21.41 -8.25
CA MET A 11 3.91 -20.29 -8.78
C MET A 11 2.61 -20.18 -7.99
N ALA A 12 2.70 -19.52 -6.82
CA ALA A 12 1.58 -19.46 -5.90
C ALA A 12 0.38 -18.73 -6.49
N MET A 13 0.59 -17.86 -7.49
CA MET A 13 -0.52 -17.08 -8.02
C MET A 13 -1.52 -17.96 -8.76
N CYS A 14 -1.05 -19.00 -9.47
CA CYS A 14 -1.92 -19.77 -10.35
C CYS A 14 -1.82 -21.27 -10.10
N ASN A 15 -1.32 -21.70 -8.94
CA ASN A 15 -1.20 -23.12 -8.66
C ASN A 15 -2.51 -23.76 -8.23
N ASP A 16 -3.59 -22.98 -8.09
CA ASP A 16 -4.87 -23.51 -7.64
C ASP A 16 -5.99 -22.68 -8.27
N VAL A 17 -6.02 -22.61 -9.59
CA VAL A 17 -7.01 -21.83 -10.32
C VAL A 17 -7.86 -22.69 -11.26
N GLY A 18 -7.80 -24.02 -11.11
CA GLY A 18 -8.68 -24.91 -11.83
C GLY A 18 -8.03 -25.73 -12.93
N TYR A 19 -6.84 -25.32 -13.39
CA TYR A 19 -6.13 -26.02 -14.45
C TYR A 19 -4.66 -26.07 -14.12
N SER A 20 -3.95 -27.01 -14.75
CA SER A 20 -2.57 -27.29 -14.40
C SER A 20 -1.57 -27.03 -15.52
N GLU A 21 -2.02 -26.76 -16.73
CA GLU A 21 -1.14 -26.57 -17.88
C GLU A 21 -1.35 -25.20 -18.49
N MET A 22 -0.27 -24.47 -18.70
CA MET A 22 -0.29 -23.15 -19.31
C MET A 22 0.55 -23.14 -20.58
N ARG A 23 0.35 -22.10 -21.38
CA ARG A 23 1.05 -21.96 -22.65
CA ARG A 23 1.03 -21.94 -22.66
C ARG A 23 2.07 -20.83 -22.56
N LEU A 24 3.24 -21.07 -23.15
CA LEU A 24 4.30 -20.07 -23.27
C LEU A 24 4.62 -19.85 -24.74
N PRO A 25 4.81 -18.58 -25.14
CA PRO A 25 4.76 -17.36 -24.29
C PRO A 25 3.35 -17.00 -23.84
N ASN A 26 3.24 -16.36 -22.68
CA ASN A 26 1.95 -16.00 -22.13
C ASN A 26 1.50 -14.66 -22.71
N LEU A 27 0.38 -14.13 -22.22
CA LEU A 27 -0.12 -12.86 -22.72
C LEU A 27 0.67 -11.66 -22.21
N MET A 28 1.58 -11.86 -21.26
CA MET A 28 2.44 -10.79 -20.78
C MET A 28 3.74 -10.67 -21.55
N GLY A 29 4.03 -11.62 -22.44
CA GLY A 29 5.27 -11.63 -23.19
C GLY A 29 6.36 -12.50 -22.62
N HIS A 30 6.15 -13.08 -21.43
CA HIS A 30 7.16 -13.93 -20.83
C HIS A 30 7.35 -15.18 -21.66
N THR A 31 8.61 -15.55 -21.91
CA THR A 31 8.93 -16.67 -22.79
C THR A 31 9.38 -17.91 -22.04
N ASN A 32 9.59 -17.84 -20.73
CA ASN A 32 10.01 -19.00 -19.96
C ASN A 32 9.60 -18.83 -18.51
N MET A 33 9.58 -19.96 -17.79
CA MET A 33 9.08 -19.96 -16.42
C MET A 33 10.03 -19.24 -15.47
N ALA A 34 11.33 -19.22 -15.77
CA ALA A 34 12.25 -18.43 -14.96
C ALA A 34 11.91 -16.96 -14.99
N GLU A 35 11.14 -16.52 -15.99
CA GLU A 35 10.57 -15.18 -16.03
C GLU A 35 9.14 -15.15 -15.50
N VAL A 36 8.35 -16.20 -15.75
CA VAL A 36 6.94 -16.18 -15.36
C VAL A 36 6.81 -16.20 -13.83
N VAL A 37 7.56 -17.07 -13.16
CA VAL A 37 7.34 -17.33 -11.74
C VAL A 37 7.66 -16.11 -10.88
N PRO A 38 8.84 -15.47 -11.00
CA PRO A 38 9.10 -14.30 -10.15
C PRO A 38 8.18 -13.12 -10.46
N LYS A 39 7.93 -12.84 -11.74
CA LYS A 39 7.04 -11.75 -12.11
C LYS A 39 5.64 -11.96 -11.55
N SER A 40 5.16 -13.20 -11.55
CA SER A 40 3.87 -13.50 -10.93
C SER A 40 3.96 -13.35 -9.42
N ALA A 41 5.08 -13.74 -8.83
CA ALA A 41 5.27 -13.61 -7.39
C ALA A 41 5.31 -12.15 -6.95
N GLU A 42 5.56 -11.21 -7.86
CA GLU A 42 5.49 -9.80 -7.50
C GLU A 42 4.08 -9.36 -7.13
N TRP A 43 3.06 -10.11 -7.54
CA TRP A 43 1.67 -9.78 -7.23
C TRP A 43 1.15 -10.41 -5.94
N GLN A 44 1.99 -11.18 -5.25
CA GLN A 44 1.51 -11.94 -4.10
C GLN A 44 0.98 -11.02 -3.00
N ASN A 45 1.71 -9.94 -2.69
CA ASN A 45 1.29 -9.05 -1.62
C ASN A 45 -0.07 -8.42 -1.93
N LEU A 46 -0.29 -7.99 -3.17
CA LEU A 46 -1.58 -7.43 -3.53
C LEU A 46 -2.68 -8.48 -3.47
N LEU A 47 -2.40 -9.68 -3.98
CA LEU A 47 -3.43 -10.71 -4.02
C LEU A 47 -3.81 -11.19 -2.62
N GLN A 48 -2.89 -11.12 -1.66
CA GLN A 48 -3.21 -11.54 -0.30
C GLN A 48 -4.15 -10.57 0.41
N THR A 49 -4.40 -9.39 -0.17
CA THR A 49 -5.30 -8.43 0.44
C THR A 49 -6.77 -8.69 0.11
N GLY A 50 -7.04 -9.47 -0.94
CA GLY A 50 -8.42 -9.69 -1.34
C GLY A 50 -9.09 -8.44 -1.88
N CYS A 51 -8.34 -7.58 -2.58
CA CYS A 51 -8.90 -6.31 -3.05
C CYS A 51 -10.03 -6.51 -4.04
N HIS A 52 -10.00 -7.61 -4.82
CA HIS A 52 -11.08 -7.93 -5.73
C HIS A 52 -11.13 -9.45 -5.90
N PRO A 53 -12.31 -10.05 -5.86
CA PRO A 53 -12.38 -11.52 -5.95
C PRO A 53 -11.88 -12.08 -7.26
N TYR A 54 -11.85 -11.28 -8.33
CA TYR A 54 -11.41 -11.74 -9.65
C TYR A 54 -10.00 -11.32 -9.98
N ALA A 55 -9.26 -10.74 -9.03
CA ALA A 55 -7.90 -10.29 -9.31
C ALA A 55 -6.98 -11.46 -9.65
N ARG A 56 -7.06 -12.54 -8.88
CA ARG A 56 -6.16 -13.67 -9.07
C ARG A 56 -6.39 -14.34 -10.42
N THR A 57 -7.65 -14.70 -10.71
CA THR A 57 -7.94 -15.38 -11.98
C THR A 57 -7.78 -14.44 -13.17
N PHE A 58 -8.08 -13.15 -12.98
CA PHE A 58 -7.79 -12.17 -14.03
C PHE A 58 -6.31 -12.16 -14.38
N LEU A 59 -5.45 -12.13 -13.36
CA LEU A 59 -4.01 -12.14 -13.61
C LEU A 59 -3.56 -13.47 -14.22
N CYS A 60 -4.15 -14.58 -13.76
CA CYS A 60 -3.74 -15.89 -14.27
C CYS A 60 -4.15 -16.09 -15.72
N SER A 61 -5.21 -15.44 -16.17
CA SER A 61 -5.55 -15.51 -17.59
C SER A 61 -4.47 -14.88 -18.46
N LEU A 62 -3.61 -14.04 -17.88
CA LEU A 62 -2.52 -13.39 -18.59
C LEU A 62 -1.18 -14.08 -18.37
N PHE A 63 -0.85 -14.43 -17.12
CA PHE A 63 0.44 -15.04 -16.82
C PHE A 63 0.46 -16.53 -17.16
N ALA A 64 -0.69 -17.21 -17.08
CA ALA A 64 -0.77 -18.64 -17.31
C ALA A 64 -2.00 -18.96 -18.16
N PRO A 65 -2.01 -18.54 -19.42
CA PRO A 65 -3.16 -18.84 -20.27
C PRO A 65 -3.29 -20.33 -20.53
N VAL A 66 -4.54 -20.77 -20.73
CA VAL A 66 -4.82 -22.19 -20.92
C VAL A 66 -4.04 -22.71 -22.12
N CYS A 67 -3.48 -23.92 -21.97
CA CYS A 67 -2.59 -24.48 -22.98
C CYS A 67 -3.32 -24.77 -24.29
N LEU A 68 -4.39 -25.57 -24.23
CA LEU A 68 -5.00 -26.10 -25.44
C LEU A 68 -5.89 -25.11 -26.17
N ASP A 69 -6.32 -24.03 -25.51
CA ASP A 69 -7.20 -23.07 -26.16
C ASP A 69 -6.39 -22.00 -26.88
N THR A 70 -7.04 -21.35 -27.85
CA THR A 70 -6.45 -20.16 -28.44
C THR A 70 -6.44 -19.03 -27.42
N PHE A 71 -5.58 -18.05 -27.66
CA PHE A 71 -5.41 -16.96 -26.70
C PHE A 71 -6.68 -16.11 -26.64
N ILE A 72 -7.31 -16.07 -25.47
CA ILE A 72 -8.46 -15.22 -25.22
C ILE A 72 -8.08 -14.27 -24.10
N GLN A 73 -8.19 -12.97 -24.37
CA GLN A 73 -7.87 -11.97 -23.36
C GLN A 73 -9.03 -11.79 -22.40
N PRO A 74 -8.77 -11.37 -21.16
CA PRO A 74 -9.85 -10.99 -20.26
C PRO A 74 -10.52 -9.70 -20.74
N CYS A 75 -11.80 -9.55 -20.38
CA CYS A 75 -12.56 -8.41 -20.86
C CYS A 75 -12.09 -7.12 -20.20
N ARG A 76 -12.20 -6.02 -20.95
CA ARG A 76 -11.89 -4.70 -20.42
C ARG A 76 -12.76 -4.37 -19.21
N SER A 77 -13.98 -4.91 -19.16
CA SER A 77 -14.82 -4.71 -17.99
C SER A 77 -14.16 -5.28 -16.74
N MET A 78 -13.68 -6.52 -16.82
CA MET A 78 -13.03 -7.13 -15.67
C MET A 78 -11.71 -6.43 -15.34
N CYS A 79 -10.98 -5.98 -16.36
CA CYS A 79 -9.78 -5.20 -16.10
C CYS A 79 -10.10 -3.92 -15.33
N VAL A 80 -11.17 -3.23 -15.73
CA VAL A 80 -11.52 -1.98 -15.08
C VAL A 80 -12.00 -2.23 -13.65
N ALA A 81 -12.74 -3.31 -13.43
CA ALA A 81 -13.20 -3.63 -12.08
C ALA A 81 -12.02 -3.96 -11.17
N VAL A 82 -11.16 -4.88 -11.60
CA VAL A 82 -10.01 -5.28 -10.79
C VAL A 82 -9.09 -4.08 -10.56
N ARG A 83 -8.90 -3.25 -11.59
CA ARG A 83 -8.03 -2.10 -11.45
C ARG A 83 -8.61 -1.07 -10.49
N ASP A 84 -9.92 -0.83 -10.56
CA ASP A 84 -10.53 0.16 -9.68
C ASP A 84 -10.57 -0.32 -8.23
N SER A 85 -10.62 -1.65 -8.02
CA SER A 85 -10.64 -2.15 -6.65
C SER A 85 -9.25 -2.34 -6.06
N CYS A 86 -8.26 -2.65 -6.88
CA CYS A 86 -6.94 -3.03 -6.39
C CYS A 86 -5.89 -1.95 -6.56
N ALA A 87 -6.11 -0.99 -7.46
CA ALA A 87 -5.15 0.09 -7.65
C ALA A 87 -4.96 0.94 -6.41
N PRO A 88 -5.99 1.29 -5.63
CA PRO A 88 -5.73 2.01 -4.36
C PRO A 88 -4.87 1.23 -3.39
N VAL A 89 -4.99 -0.10 -3.35
CA VAL A 89 -4.16 -0.90 -2.47
C VAL A 89 -2.70 -0.84 -2.92
N LEU A 90 -2.46 -0.95 -4.23
CA LEU A 90 -1.12 -0.78 -4.76
C LEU A 90 -0.57 0.60 -4.43
N ALA A 91 -1.43 1.63 -4.50
CA ALA A 91 -1.01 2.97 -4.12
C ALA A 91 -0.61 3.03 -2.65
N CYS A 92 -1.31 2.27 -1.79
CA CYS A 92 -0.93 2.19 -0.40
C CYS A 92 0.39 1.46 -0.23
N HIS A 93 0.70 0.51 -1.12
CA HIS A 93 2.01 -0.12 -1.14
C HIS A 93 3.08 0.77 -1.77
N GLY A 94 2.68 1.87 -2.40
CA GLY A 94 3.62 2.72 -3.09
C GLY A 94 3.80 2.42 -4.57
N HIS A 95 2.93 1.61 -5.15
CA HIS A 95 3.01 1.23 -6.56
C HIS A 95 1.79 1.80 -7.30
N SER A 96 1.77 1.55 -8.61
CA SER A 96 0.67 1.98 -9.46
C SER A 96 0.32 0.88 -10.44
N TRP A 97 -0.88 0.97 -11.00
CA TRP A 97 -1.34 0.00 -11.98
C TRP A 97 -0.41 0.02 -13.20
N PRO A 98 0.20 -1.10 -13.55
CA PRO A 98 1.22 -1.07 -14.62
C PRO A 98 0.64 -0.76 -15.98
N GLU A 99 1.45 -0.10 -16.80
CA GLU A 99 1.02 0.25 -18.16
C GLU A 99 0.77 -0.99 -18.99
N SER A 100 1.52 -2.07 -18.74
CA SER A 100 1.25 -3.34 -19.41
C SER A 100 -0.15 -3.87 -19.12
N LEU A 101 -0.77 -3.43 -18.02
CA LEU A 101 -2.14 -3.79 -17.70
C LEU A 101 -3.11 -2.64 -17.96
N ASP A 102 -2.75 -1.71 -18.85
CA ASP A 102 -3.67 -0.66 -19.25
C ASP A 102 -4.92 -1.29 -19.87
N CYS A 103 -6.07 -1.04 -19.27
CA CYS A 103 -7.29 -1.73 -19.67
C CYS A 103 -7.68 -1.44 -21.11
N ASP A 104 -7.23 -0.32 -21.67
CA ASP A 104 -7.52 -0.03 -23.08
C ASP A 104 -6.93 -1.07 -24.02
N ARG A 105 -5.96 -1.85 -23.56
CA ARG A 105 -5.38 -2.92 -24.37
CA ARG A 105 -5.40 -2.89 -24.41
C ARG A 105 -6.24 -4.17 -24.41
N PHE A 106 -7.33 -4.22 -23.61
CA PHE A 106 -8.15 -5.41 -23.51
C PHE A 106 -9.44 -5.24 -24.31
N PRO A 107 -10.01 -6.35 -24.81
CA PRO A 107 -11.12 -6.25 -25.76
C PRO A 107 -12.40 -5.72 -25.13
N ALA A 108 -13.23 -5.11 -25.97
CA ALA A 108 -14.54 -4.64 -25.58
C ALA A 108 -15.46 -4.72 -26.79
N GLY A 109 -16.76 -4.83 -26.52
CA GLY A 109 -17.75 -4.88 -27.58
C GLY A 109 -17.84 -6.23 -28.28
N GLU A 110 -17.57 -6.25 -29.59
CA GLU A 110 -17.76 -7.46 -30.37
C GLU A 110 -16.68 -8.50 -30.10
N ASP A 111 -15.46 -8.06 -29.79
CA ASP A 111 -14.34 -8.98 -29.64
C ASP A 111 -14.58 -9.94 -28.48
N MET A 112 -14.35 -11.23 -28.72
CA MET A 112 -14.54 -12.24 -27.68
C MET A 112 -13.52 -12.06 -26.57
N CYS A 113 -13.97 -12.23 -25.32
CA CYS A 113 -13.10 -12.06 -24.17
C CYS A 113 -13.69 -12.83 -22.99
N LEU A 114 -12.82 -13.14 -22.04
CA LEU A 114 -13.23 -13.85 -20.83
C LEU A 114 -13.81 -12.84 -19.84
N ASP A 115 -15.08 -13.04 -19.48
CA ASP A 115 -15.79 -12.12 -18.61
C ASP A 115 -16.10 -12.78 -17.28
N THR A 116 -16.65 -11.98 -16.37
CA THR A 116 -17.05 -12.49 -15.07
C THR A 116 -18.36 -13.28 -15.16
N LEU A 117 -18.62 -14.11 -14.15
CA LEU A 117 -19.82 -14.92 -14.16
C LEU A 117 -21.07 -14.06 -13.99
N SER A 118 -21.00 -13.02 -13.17
CA SER A 118 -22.10 -12.09 -12.98
C SER A 118 -21.82 -10.80 -13.73
N LYS A 119 -22.64 -9.78 -13.48
CA LYS A 119 -22.47 -8.48 -14.12
C LYS A 119 -21.22 -7.77 -13.60
N SER A 132 -8.05 4.79 1.97
CA SER A 132 -7.71 3.96 3.11
C SER A 132 -6.46 4.49 3.81
N CYS A 133 -5.35 4.51 3.09
CA CYS A 133 -4.09 5.04 3.59
C CYS A 133 -3.88 6.50 3.22
N GLN A 134 -4.86 7.13 2.57
CA GLN A 134 -4.73 8.50 2.08
C GLN A 134 -5.29 9.53 3.04
N GLY A 135 -5.78 9.12 4.21
CA GLY A 135 -6.38 10.06 5.13
C GLY A 135 -5.36 11.04 5.68
N CYS A 136 -5.78 12.30 5.80
CA CYS A 136 -4.95 13.37 6.35
C CYS A 136 -5.66 13.97 7.55
N PRO A 137 -5.36 13.53 8.77
CA PRO A 137 -6.07 14.05 9.93
C PRO A 137 -5.72 15.50 10.23
N LEU A 138 -6.63 16.15 10.96
CA LEU A 138 -6.41 17.54 11.31
C LEU A 138 -5.28 17.67 12.33
N ILE A 139 -4.67 18.86 12.35
CA ILE A 139 -3.62 19.17 13.31
C ILE A 139 -4.30 19.63 14.60
N GLU A 140 -4.22 18.81 15.64
CA GLU A 140 -4.81 19.15 16.93
C GLU A 140 -3.83 19.98 17.74
N GLU A 141 -4.30 21.10 18.28
CA GLU A 141 -3.42 22.04 18.98
C GLU A 141 -3.78 22.20 20.45
N PHE A 142 -5.04 22.47 20.77
CA PHE A 142 -5.50 22.57 22.16
C PHE A 142 -6.16 21.24 22.52
N PHE A 143 -5.44 20.40 23.26
CA PHE A 143 -5.88 19.07 23.57
C PHE A 143 -5.46 18.71 24.99
N SER A 144 -6.06 17.66 25.53
CA SER A 144 -5.72 17.16 26.84
C SER A 144 -4.80 15.93 26.71
N HIS A 145 -3.90 15.80 27.68
CA HIS A 145 -3.03 14.63 27.72
C HIS A 145 -3.83 13.34 27.86
N LYS A 146 -5.05 13.41 28.40
CA LYS A 146 -5.90 12.23 28.42
C LYS A 146 -6.33 11.85 27.00
N THR A 147 -6.64 12.84 26.17
CA THR A 147 -6.94 12.58 24.78
C THR A 147 -5.72 12.02 24.05
N VAL A 148 -4.54 12.57 24.34
CA VAL A 148 -3.32 12.07 23.72
C VAL A 148 -3.08 10.61 24.11
N LEU A 149 -3.25 10.29 25.39
CA LEU A 149 -3.05 8.92 25.85
C LEU A 149 -4.08 7.98 25.22
N GLU A 150 -5.32 8.45 25.07
CA GLU A 150 -6.32 7.64 24.39
C GLU A 150 -5.91 7.36 22.95
N ALA A 151 -5.37 8.36 22.25
CA ALA A 151 -4.88 8.13 20.90
C ALA A 151 -3.74 7.11 20.89
N PHE A 152 -2.81 7.24 21.84
CA PHE A 152 -1.73 6.27 21.97
C PHE A 152 -2.28 4.85 22.11
N CYS A 153 -3.23 4.66 23.02
CA CYS A 153 -3.81 3.33 23.23
C CYS A 153 -4.55 2.85 21.99
N ASP A 154 -5.15 3.76 21.22
CA ASP A 154 -5.96 3.38 20.07
C ASP A 154 -5.15 3.15 18.80
N ASN A 155 -3.88 3.55 18.77
CA ASN A 155 -3.08 3.41 17.57
C ASN A 155 -1.93 2.44 17.77
N ASN A 156 -1.38 1.97 16.65
CA ASN A 156 -0.24 1.05 16.70
C ASN A 156 1.03 1.76 17.17
N PHE A 157 1.36 2.86 16.52
CA PHE A 157 2.58 3.60 16.84
C PHE A 157 2.25 5.05 17.17
N ALA A 158 3.18 5.68 17.89
CA ALA A 158 3.11 7.10 18.19
C ALA A 158 4.53 7.60 18.36
N VAL A 159 4.90 8.61 17.59
CA VAL A 159 6.27 9.13 17.59
C VAL A 159 6.24 10.64 17.58
N LYS A 160 7.34 11.22 18.05
CA LYS A 160 7.58 12.65 17.96
C LYS A 160 8.55 12.90 16.80
N VAL A 161 8.10 13.65 15.80
CA VAL A 161 8.89 13.91 14.61
C VAL A 161 8.93 15.40 14.33
N LYS A 162 10.05 15.87 13.80
CA LYS A 162 10.18 17.21 13.26
C LYS A 162 10.21 17.10 11.74
N LEU A 163 9.37 17.89 11.06
CA LEU A 163 9.29 17.86 9.61
C LEU A 163 10.00 19.05 9.02
N ALA A 164 10.54 18.85 7.81
CA ALA A 164 11.30 19.87 7.12
C ALA A 164 11.00 19.84 5.64
N LYS A 165 10.92 21.01 5.03
CA LYS A 165 10.70 21.19 3.60
C LYS A 165 12.03 21.53 2.93
N LYS A 166 12.22 21.00 1.72
CA LYS A 166 13.51 21.12 1.05
C LYS A 166 13.28 21.22 -0.44
N LYS A 167 14.03 22.08 -1.11
CA LYS A 167 13.88 22.29 -2.54
C LYS A 167 14.86 21.39 -3.29
N SER A 168 14.32 20.57 -4.19
CA SER A 168 15.14 19.63 -4.95
C SER A 168 15.87 20.38 -6.08
N ALA A 169 16.69 19.63 -6.83
CA ALA A 169 17.40 20.22 -7.96
C ALA A 169 16.44 20.63 -9.07
N SER A 170 15.37 19.86 -9.28
CA SER A 170 14.38 20.16 -10.30
C SER A 170 13.42 21.28 -9.90
N GLY A 171 13.53 21.80 -8.68
CA GLY A 171 12.64 22.84 -8.20
C GLY A 171 11.44 22.35 -7.42
N LEU A 172 11.20 21.04 -7.40
CA LEU A 172 10.07 20.49 -6.66
C LEU A 172 10.42 20.38 -5.18
N TYR A 173 9.38 20.28 -4.35
CA TYR A 173 9.54 20.27 -2.91
C TYR A 173 9.52 18.83 -2.39
N GLU A 174 10.50 18.51 -1.56
CA GLU A 174 10.57 17.24 -0.85
C GLU A 174 10.36 17.49 0.63
N TYR A 175 9.61 16.60 1.28
CA TYR A 175 9.30 16.71 2.70
C TYR A 175 9.96 15.56 3.43
N GLU A 176 10.75 15.87 4.46
CA GLU A 176 11.54 14.84 5.13
C GLU A 176 11.50 15.05 6.63
N THR A 177 11.78 13.96 7.36
CA THR A 177 12.00 14.06 8.79
C THR A 177 13.40 14.63 9.04
N GLU A 178 13.51 15.44 10.10
CA GLU A 178 14.74 16.12 10.45
C GLU A 178 15.17 15.72 11.85
N GLY A 179 16.42 15.31 11.99
CA GLY A 179 16.94 14.90 13.27
C GLY A 179 16.40 13.54 13.70
N PRO A 180 16.58 13.21 14.98
CA PRO A 180 16.10 11.93 15.47
C PRO A 180 14.59 11.92 15.70
N VAL A 181 14.03 10.72 15.66
CA VAL A 181 12.61 10.51 15.91
C VAL A 181 12.47 9.90 17.30
N GLU A 182 11.78 10.60 18.19
CA GLU A 182 11.52 10.08 19.53
C GLU A 182 10.31 9.15 19.48
N PHE A 183 10.51 7.88 19.85
CA PHE A 183 9.46 6.90 19.83
C PHE A 183 8.75 6.85 21.18
N ILE A 184 7.42 6.91 21.15
CA ILE A 184 6.61 6.88 22.35
C ILE A 184 5.99 5.51 22.49
N LYS A 185 5.26 5.08 21.47
CA LYS A 185 4.69 3.74 21.40
C LYS A 185 5.26 3.06 20.16
N GLN A 186 6.00 1.97 20.36
CA GLN A 186 6.66 1.29 19.24
C GLN A 186 5.70 0.45 18.43
N GLY A 187 4.70 -0.15 19.08
CA GLY A 187 3.83 -1.08 18.39
C GLY A 187 4.44 -2.47 18.32
N LEU A 188 4.28 -3.14 17.18
CA LEU A 188 4.80 -4.49 17.00
C LEU A 188 5.97 -4.54 16.01
N LEU A 189 6.56 -3.39 15.70
CA LEU A 189 7.69 -3.31 14.79
C LEU A 189 8.88 -2.66 15.47
N LEU A 190 10.05 -2.84 14.88
CA LEU A 190 11.23 -2.15 15.36
C LEU A 190 11.18 -0.68 14.95
N PRO A 191 11.79 0.19 15.75
CA PRO A 191 11.76 1.63 15.42
C PRO A 191 12.29 1.95 14.03
N TYR A 192 13.26 1.19 13.54
CA TYR A 192 13.78 1.44 12.19
C TYR A 192 12.70 1.21 11.14
N ASP A 193 11.98 0.09 11.25
CA ASP A 193 10.93 -0.21 10.28
C ASP A 193 9.77 0.78 10.41
N THR A 194 9.42 1.13 11.65
CA THR A 194 8.36 2.12 11.84
C THR A 194 8.72 3.45 11.20
N ARG A 195 9.96 3.91 11.40
CA ARG A 195 10.40 5.16 10.81
C ARG A 195 10.43 5.07 9.28
N THR A 196 10.84 3.91 8.75
CA THR A 196 10.80 3.73 7.30
C THR A 196 9.37 3.84 6.78
N MET A 197 8.40 3.31 7.52
CA MET A 197 7.01 3.44 7.10
C MET A 197 6.53 4.88 7.21
N ILE A 198 7.04 5.63 8.20
CA ILE A 198 6.67 7.03 8.32
C ILE A 198 7.20 7.83 7.14
N GLU A 199 8.44 7.55 6.71
CA GLU A 199 8.97 8.22 5.52
C GLU A 199 8.16 7.86 4.28
N GLN A 200 7.78 6.58 4.15
CA GLN A 200 6.93 6.18 3.03
C GLN A 200 5.60 6.95 3.05
N TRP A 201 5.00 7.09 4.23
CA TRP A 201 3.75 7.83 4.34
C TRP A 201 3.94 9.30 3.97
N LEU A 202 5.09 9.87 4.36
CA LEU A 202 5.37 11.26 3.99
C LEU A 202 5.46 11.42 2.48
N LEU A 203 6.08 10.45 1.80
CA LEU A 203 6.19 10.55 0.35
C LEU A 203 4.83 10.34 -0.32
N ILE A 204 4.05 9.36 0.15
CA ILE A 204 2.77 9.06 -0.49
C ILE A 204 1.74 10.15 -0.23
N ASN A 205 1.77 10.80 0.94
CA ASN A 205 0.82 11.83 1.31
C ASN A 205 1.50 13.19 1.28
N GLU A 206 1.89 13.60 0.07
CA GLU A 206 2.61 14.85 -0.12
C GLU A 206 1.73 16.05 0.24
N ASN A 207 0.43 15.98 -0.09
CA ASN A 207 -0.48 17.06 0.28
C ASN A 207 -0.57 17.21 1.79
N CYS A 208 -0.62 16.08 2.50
CA CYS A 208 -0.69 16.14 3.96
C CYS A 208 0.60 16.69 4.55
N ALA A 209 1.75 16.26 4.02
CA ALA A 209 3.02 16.81 4.50
C ALA A 209 3.10 18.32 4.26
N GLN A 210 2.67 18.77 3.08
CA GLN A 210 2.64 20.19 2.78
C GLN A 210 1.74 20.93 3.76
N LYS A 211 0.59 20.34 4.10
CA LYS A 211 -0.27 20.93 5.13
C LYS A 211 0.46 21.02 6.47
N LEU A 212 1.24 19.98 6.81
CA LEU A 212 1.93 19.96 8.09
C LEU A 212 3.05 20.98 8.15
N ILE A 213 3.64 21.33 7.01
CA ILE A 213 4.71 22.34 7.01
C ILE A 213 4.15 23.71 7.38
N ARG A 214 2.89 23.98 7.05
CA ARG A 214 2.32 25.31 7.25
C ARG A 214 2.09 25.68 8.70
N THR A 215 2.14 24.71 9.63
CA THR A 215 1.94 24.97 11.05
C THR A 215 3.29 24.97 11.75
N ARG A 216 3.69 26.13 12.27
CA ARG A 216 4.97 26.27 12.96
C ARG A 216 4.75 26.26 14.48
N PRO A 217 5.65 25.60 15.23
CA PRO A 217 6.80 24.82 14.75
C PRO A 217 6.39 23.50 14.10
N THR A 218 7.26 22.96 13.26
CA THR A 218 6.98 21.73 12.52
C THR A 218 7.23 20.47 13.33
N VAL A 219 7.13 20.54 14.65
CA VAL A 219 7.28 19.37 15.51
C VAL A 219 5.88 18.84 15.84
N TYR A 220 5.68 17.54 15.62
CA TYR A 220 4.39 16.91 15.84
C TYR A 220 4.57 15.59 16.57
N VAL A 221 3.51 15.15 17.22
CA VAL A 221 3.37 13.78 17.68
C VAL A 221 2.32 13.13 16.80
N ILE A 222 2.72 12.11 16.05
CA ILE A 222 1.83 11.44 15.12
C ILE A 222 1.61 10.01 15.59
N ALA A 223 0.36 9.56 15.53
CA ALA A 223 -0.02 8.22 15.92
C ALA A 223 -0.78 7.58 14.77
N GLY A 224 -0.51 6.29 14.54
CA GLY A 224 -1.14 5.64 13.43
C GLY A 224 -1.03 4.14 13.51
N GLU A 225 -1.39 3.50 12.41
CA GLU A 225 -1.44 2.05 12.29
C GLU A 225 -0.57 1.59 11.13
N ILE A 226 0.10 0.46 11.31
CA ILE A 226 0.90 -0.18 10.27
C ILE A 226 0.38 -1.61 10.11
N HIS A 227 -0.08 -1.95 8.91
CA HIS A 227 -0.67 -3.25 8.63
C HIS A 227 -0.17 -3.71 7.27
N HIS A 228 0.61 -4.80 7.27
CA HIS A 228 1.13 -5.44 6.06
C HIS A 228 1.75 -4.43 5.11
N GLY A 229 2.73 -3.69 5.64
CA GLY A 229 3.44 -2.71 4.82
C GLY A 229 2.64 -1.51 4.40
N LYS A 230 1.49 -1.27 5.03
CA LYS A 230 0.68 -0.08 4.78
C LYS A 230 0.65 0.77 6.03
N VAL A 231 0.85 2.07 5.89
CA VAL A 231 0.91 2.99 7.01
C VAL A 231 -0.21 4.01 6.89
N LYS A 232 -0.93 4.23 7.98
CA LYS A 232 -2.05 5.16 8.03
C LYS A 232 -1.92 6.02 9.28
N VAL A 233 -1.83 7.34 9.11
CA VAL A 233 -1.73 8.26 10.23
C VAL A 233 -3.14 8.67 10.64
N ASN A 234 -3.48 8.43 11.91
CA ASN A 234 -4.82 8.71 12.43
C ASN A 234 -4.89 9.98 13.25
N ARG A 235 -3.87 10.30 14.02
CA ARG A 235 -3.88 11.46 14.91
C ARG A 235 -2.59 12.25 14.76
N ILE A 236 -2.71 13.56 14.75
CA ILE A 236 -1.57 14.48 14.64
C ILE A 236 -1.73 15.55 15.71
N PHE A 237 -0.77 15.60 16.63
CA PHE A 237 -0.77 16.59 17.71
C PHE A 237 0.40 17.53 17.51
N HIS A 238 0.10 18.83 17.48
CA HIS A 238 1.13 19.84 17.33
C HIS A 238 1.88 20.04 18.65
N TRP A 239 3.21 20.01 18.59
CA TRP A 239 4.04 20.20 19.78
C TRP A 239 4.42 21.68 19.85
N GLN A 240 3.76 22.43 20.72
CA GLN A 240 4.06 23.83 20.89
C GLN A 240 5.41 24.01 21.60
N LYS A 241 5.98 25.20 21.46
CA LYS A 241 7.30 25.45 22.04
C LYS A 241 7.26 25.43 23.57
N LYS A 242 6.17 25.89 24.17
CA LYS A 242 5.96 25.81 25.61
C LYS A 242 4.96 24.71 25.96
N ASP A 243 5.07 23.55 25.30
CA ASP A 243 4.09 22.49 25.48
C ASP A 243 4.13 21.91 26.89
N SER A 244 2.97 21.51 27.37
CA SER A 244 2.83 20.80 28.62
C SER A 244 2.06 19.50 28.48
N GLN A 245 1.00 19.48 27.67
CA GLN A 245 0.15 18.30 27.60
C GLN A 245 0.84 17.13 26.91
N LEU A 246 1.56 17.40 25.82
CA LEU A 246 2.30 16.32 25.16
C LEU A 246 3.43 15.82 26.04
N THR A 247 4.12 16.72 26.74
CA THR A 247 5.16 16.30 27.67
C THR A 247 4.58 15.38 28.75
N LEU A 248 3.46 15.79 29.35
CA LEU A 248 2.85 14.98 30.40
C LEU A 248 2.38 13.63 29.86
N ALA A 249 1.80 13.62 28.66
CA ALA A 249 1.31 12.37 28.09
C ALA A 249 2.47 11.42 27.77
N THR A 250 3.57 11.95 27.22
CA THR A 250 4.70 11.10 26.88
C THR A 250 5.40 10.59 28.12
N ARG A 251 5.52 11.42 29.16
CA ARG A 251 6.10 10.95 30.41
C ARG A 251 5.20 9.94 31.11
N ARG A 252 3.88 10.04 30.92
CA ARG A 252 2.94 9.15 31.57
C ARG A 252 2.74 7.85 30.81
N TRP A 253 3.06 7.81 29.52
CA TRP A 253 2.74 6.64 28.70
C TRP A 253 3.36 5.36 29.24
N ARG A 254 4.56 5.45 29.82
CA ARG A 254 5.24 4.25 30.29
C ARG A 254 4.45 3.55 31.40
N HIS A 255 3.85 4.33 32.30
CA HIS A 255 3.07 3.78 33.40
C HIS A 255 1.57 3.80 33.13
N HIS A 256 1.16 4.17 31.92
CA HIS A 256 -0.26 4.34 31.62
C HIS A 256 -0.92 2.99 31.38
N LYS A 257 -2.04 2.76 32.07
CA LYS A 257 -2.87 1.59 31.83
C LYS A 257 -3.98 1.96 30.86
N CYS A 258 -3.98 1.34 29.69
CA CYS A 258 -4.99 1.63 28.69
C CYS A 258 -6.36 1.12 29.15
N ALA A 259 -7.41 1.72 28.58
CA ALA A 259 -8.76 1.28 28.90
C ALA A 259 -8.99 -0.16 28.46
N ALA A 260 -8.42 -0.55 27.33
CA ALA A 260 -8.48 -1.92 26.83
C ALA A 260 -7.15 -2.61 27.04
N ALA A 261 -7.21 -3.91 27.29
CA ALA A 261 -6.00 -4.71 27.53
C ALA A 261 -5.24 -4.97 26.24
S SO4 B . 10.38 -23.21 -19.68
O1 SO4 B . 9.49 -23.97 -18.80
O2 SO4 B . 11.32 -22.43 -18.87
O3 SO4 B . 11.12 -24.13 -20.53
O4 SO4 B . 9.60 -22.30 -20.52
S SO4 C . -0.54 -15.57 -3.87
O1 SO4 C . -0.02 -14.62 -2.89
O2 SO4 C . -0.96 -16.79 -3.18
O3 SO4 C . -1.69 -14.96 -4.54
O4 SO4 C . 0.49 -15.88 -4.86
CL CL D . -7.63 7.33 16.81
CL CL E . -5.99 21.54 10.29
CL CL F . 7.73 28.92 15.89
CL CL G . 12.54 25.36 0.51
CL CL H . -5.92 -0.05 0.93
CL CL I . -4.32 0.87 5.77
CL CL J . 3.92 27.34 19.71
CL CL K . 0.03 -2.11 19.16
CL CL L . -5.47 4.66 -7.32
#